data_8DGQ
#
_entry.id   8DGQ
#
_cell.length_a   55.210
_cell.length_b   113.500
_cell.length_c   119.070
_cell.angle_alpha   90.000
_cell.angle_beta   90.000
_cell.angle_gamma   90.000
#
_symmetry.space_group_name_H-M   'P 21 21 21'
#
loop_
_entity.id
_entity.type
_entity.pdbx_description
1 polymer 'Ras GTPase-activating protein 1'
2 polymer 'Rho GTPase-activating protein 35'
3 non-polymer 'MALONATE ION'
4 water water
#
loop_
_entity_poly.entity_id
_entity_poly.type
_entity_poly.pdbx_seq_one_letter_code
_entity_poly.pdbx_strand_id
1 'polypeptide(L)'
;GSTAPPTNQWYHGKLDRTIAEERLRQAGKSGSYLIRESDRRPGSFVLSFLSQMNVVNHFRIIAMSGDYYIGGRRFSSLSD
LIGYYSHVSSLLKGEKLLYPVAPPEPVEDRRRVRAILPYTKVPDTDEISFLKGDMFIVHNELEDGWMWVTNLRTDEQGLI
VEDLVEEVGREEDPHEGKIWFHGKISKQEAYNLLMTVGQVSSFLVRPSDNTPGDYSLYFRTNENIQRFKISPTPNNQFMM
GGRYYNSIGDIIDHYRKEQIVEGYYLKEPVPMQ
;
A,B
2 'polypeptide(L)' DPSD(PTR)AEPMDAVVKPRNEEENI(PTR)SVPHDS U,V
#
loop_
_chem_comp.id
_chem_comp.type
_chem_comp.name
_chem_comp.formula
MLI non-polymer 'MALONATE ION' 'C3 H2 O4 -2'
#
# COMPACT_ATOMS: atom_id res chain seq x y z
N GLY A 1 -20.16 -19.52 -20.01
CA GLY A 1 -20.41 -20.92 -20.31
C GLY A 1 -20.11 -21.86 -19.16
N SER A 2 -19.95 -21.31 -17.95
CA SER A 2 -19.67 -22.13 -16.77
C SER A 2 -20.12 -21.37 -15.53
N THR A 3 -20.22 -22.11 -14.43
CA THR A 3 -20.56 -21.56 -13.13
C THR A 3 -19.34 -21.03 -12.39
N ALA A 4 -18.17 -21.03 -13.03
CA ALA A 4 -16.95 -20.55 -12.40
C ALA A 4 -16.96 -19.03 -12.30
N PRO A 5 -16.19 -18.48 -11.36
CA PRO A 5 -15.95 -17.03 -11.36
C PRO A 5 -15.15 -16.63 -12.58
N PRO A 6 -15.15 -15.36 -12.97
CA PRO A 6 -14.32 -14.93 -14.10
C PRO A 6 -12.86 -15.33 -13.87
N THR A 7 -12.16 -15.61 -14.97
CA THR A 7 -10.81 -16.17 -14.89
C THR A 7 -9.87 -15.27 -14.09
N ASN A 8 -10.01 -13.95 -14.25
CA ASN A 8 -9.08 -13.07 -13.55
C ASN A 8 -9.29 -13.06 -12.04
N GLN A 9 -10.23 -13.83 -11.51
CA GLN A 9 -10.36 -13.93 -10.06
C GLN A 9 -9.63 -15.13 -9.48
N TRP A 10 -9.09 -16.02 -10.34
CA TRP A 10 -8.38 -17.18 -9.83
C TRP A 10 -7.19 -17.65 -10.66
N TYR A 11 -6.91 -17.08 -11.82
CA TYR A 11 -5.81 -17.53 -12.68
C TYR A 11 -4.58 -16.65 -12.46
N HIS A 12 -3.45 -17.28 -12.10
CA HIS A 12 -2.22 -16.58 -11.76
C HIS A 12 -1.13 -16.70 -12.82
N GLY A 13 -1.41 -17.31 -13.96
CA GLY A 13 -0.34 -17.45 -14.92
C GLY A 13 0.77 -18.32 -14.37
N LYS A 14 1.98 -18.08 -14.86
CA LYS A 14 3.12 -18.90 -14.51
C LYS A 14 3.57 -18.57 -13.08
N LEU A 15 3.59 -19.57 -12.20
CA LEU A 15 3.81 -19.33 -10.77
C LEU A 15 4.36 -20.59 -10.11
N ASP A 16 5.38 -20.44 -9.26
CA ASP A 16 5.93 -21.62 -8.61
C ASP A 16 5.14 -21.97 -7.34
N ARG A 17 5.44 -23.15 -6.78
CA ARG A 17 4.64 -23.65 -5.67
C ARG A 17 4.75 -22.75 -4.45
N THR A 18 5.95 -22.24 -4.15
CA THR A 18 6.17 -21.47 -2.93
C THR A 18 5.29 -20.22 -2.90
N ILE A 19 5.30 -19.45 -3.99
CA ILE A 19 4.50 -18.23 -4.05
C ILE A 19 3.01 -18.56 -4.05
N ALA A 20 2.63 -19.65 -4.71
CA ALA A 20 1.21 -20.05 -4.73
C ALA A 20 0.71 -20.38 -3.34
N GLU A 21 1.52 -21.09 -2.55
CA GLU A 21 1.13 -21.39 -1.17
C GLU A 21 1.12 -20.12 -0.32
N GLU A 22 2.08 -19.22 -0.54
CA GLU A 22 2.05 -17.95 0.18
C GLU A 22 0.74 -17.19 -0.09
N ARG A 23 0.31 -17.16 -1.35
CA ARG A 23 -0.92 -16.44 -1.69
C ARG A 23 -2.15 -17.12 -1.10
N LEU A 24 -2.18 -18.46 -1.10
CA LEU A 24 -3.32 -19.15 -0.52
C LEU A 24 -3.38 -18.98 1.00
N ARG A 25 -2.22 -19.03 1.67
CA ARG A 25 -2.23 -18.85 3.12
C ARG A 25 -2.51 -17.40 3.50
N GLN A 26 -2.10 -16.46 2.66
CA GLN A 26 -2.51 -15.07 2.87
C GLN A 26 -4.01 -14.94 2.79
N ALA A 27 -4.63 -15.63 1.83
CA ALA A 27 -6.09 -15.66 1.75
C ALA A 27 -6.70 -16.20 3.04
N GLY A 28 -6.30 -17.40 3.45
CA GLY A 28 -6.50 -17.87 4.81
C GLY A 28 -7.66 -18.82 5.03
N LYS A 29 -8.66 -18.84 4.15
CA LYS A 29 -9.83 -19.69 4.37
C LYS A 29 -9.67 -21.05 3.71
N SER A 30 -10.03 -22.10 4.44
CA SER A 30 -10.16 -23.41 3.84
C SER A 30 -11.13 -23.36 2.67
N GLY A 31 -10.77 -24.01 1.57
CA GLY A 31 -11.54 -23.92 0.34
C GLY A 31 -11.06 -22.86 -0.62
N SER A 32 -10.02 -22.10 -0.25
CA SER A 32 -9.45 -21.12 -1.16
C SER A 32 -8.63 -21.83 -2.21
N TYR A 33 -8.63 -21.28 -3.43
CA TYR A 33 -7.98 -21.97 -4.54
C TYR A 33 -7.47 -20.96 -5.56
N LEU A 34 -6.52 -21.43 -6.36
CA LEU A 34 -6.07 -20.71 -7.54
C LEU A 34 -5.62 -21.73 -8.58
N ILE A 35 -5.50 -21.26 -9.82
CA ILE A 35 -4.90 -22.06 -10.87
C ILE A 35 -3.68 -21.33 -11.40
N ARG A 36 -2.61 -22.08 -11.65
CA ARG A 36 -1.37 -21.51 -12.16
C ARG A 36 -0.85 -22.38 -13.28
N GLU A 37 0.00 -21.80 -14.12
CA GLU A 37 0.79 -22.60 -15.03
C GLU A 37 2.06 -23.05 -14.31
N SER A 38 2.41 -24.32 -14.48
CA SER A 38 3.60 -24.80 -13.80
C SER A 38 4.80 -24.01 -14.26
N ASP A 39 5.57 -23.52 -13.29
CA ASP A 39 6.83 -22.87 -13.59
C ASP A 39 7.87 -23.89 -14.05
N ARG A 40 7.88 -25.06 -13.41
CA ARG A 40 8.87 -26.08 -13.73
C ARG A 40 8.51 -26.92 -14.95
N ARG A 41 7.22 -27.17 -15.20
CA ARG A 41 6.77 -27.93 -16.37
C ARG A 41 5.82 -27.07 -17.21
N PRO A 42 6.34 -26.05 -17.89
CA PRO A 42 5.46 -25.13 -18.61
C PRO A 42 4.61 -25.85 -19.65
N GLY A 43 3.42 -25.29 -19.90
CA GLY A 43 2.45 -25.94 -20.74
C GLY A 43 1.53 -26.89 -20.00
N SER A 44 1.81 -27.15 -18.73
CA SER A 44 0.91 -27.86 -17.84
C SER A 44 0.55 -26.93 -16.69
N PHE A 45 -0.55 -27.23 -16.03
CA PHE A 45 -1.14 -26.33 -15.05
C PHE A 45 -1.28 -27.04 -13.71
N VAL A 46 -1.65 -26.25 -12.70
CA VAL A 46 -1.78 -26.73 -11.32
C VAL A 46 -2.96 -26.03 -10.66
N LEU A 47 -3.86 -26.81 -10.09
CA LEU A 47 -4.90 -26.29 -9.21
C LEU A 47 -4.35 -26.37 -7.79
N SER A 48 -4.13 -25.23 -7.15
CA SER A 48 -3.63 -25.17 -5.79
C SER A 48 -4.79 -24.83 -4.86
N PHE A 49 -4.92 -25.60 -3.77
CA PHE A 49 -6.13 -25.64 -2.97
C PHE A 49 -5.73 -25.65 -1.52
N LEU A 50 -6.24 -24.70 -0.75
CA LEU A 50 -6.01 -24.66 0.69
C LEU A 50 -7.06 -25.53 1.36
N SER A 51 -6.62 -26.63 1.98
CA SER A 51 -7.46 -27.58 2.69
C SER A 51 -7.47 -27.25 4.19
N GLN A 52 -8.02 -28.15 4.99
CA GLN A 52 -8.03 -27.94 6.42
C GLN A 52 -6.62 -28.09 7.01
N MET A 53 -6.44 -27.52 8.20
CA MET A 53 -5.19 -27.59 8.94
C MET A 53 -4.02 -27.01 8.15
N ASN A 54 -4.28 -25.93 7.43
CA ASN A 54 -3.26 -25.12 6.75
C ASN A 54 -2.46 -25.91 5.72
N VAL A 55 -3.00 -27.03 5.21
CA VAL A 55 -2.33 -27.82 4.18
C VAL A 55 -2.81 -27.35 2.81
N VAL A 56 -1.86 -27.15 1.89
CA VAL A 56 -2.17 -26.79 0.51
C VAL A 56 -1.88 -28.02 -0.35
N ASN A 57 -2.88 -28.47 -1.07
CA ASN A 57 -2.68 -29.55 -2.04
C ASN A 57 -2.60 -28.95 -3.45
N HIS A 58 -1.89 -29.66 -4.33
CA HIS A 58 -1.65 -29.21 -5.68
C HIS A 58 -2.01 -30.33 -6.64
N PHE A 59 -2.89 -30.05 -7.58
CA PHE A 59 -3.37 -31.05 -8.52
C PHE A 59 -2.87 -30.68 -9.91
N ARG A 60 -2.18 -31.60 -10.56
CA ARG A 60 -1.67 -31.34 -11.90
C ARG A 60 -2.82 -31.37 -12.89
N ILE A 61 -2.73 -30.51 -13.90
CA ILE A 61 -3.70 -30.43 -14.98
C ILE A 61 -2.93 -30.47 -16.29
N ILE A 62 -3.25 -31.44 -17.14
CA ILE A 62 -2.51 -31.67 -18.37
C ILE A 62 -3.28 -31.07 -19.53
N ALA A 63 -2.60 -30.34 -20.41
CA ALA A 63 -3.23 -29.78 -21.59
C ALA A 63 -3.01 -30.75 -22.74
N MET A 64 -4.07 -31.48 -23.09
CA MET A 64 -4.02 -32.46 -24.17
C MET A 64 -5.01 -32.03 -25.24
N SER A 65 -4.54 -31.99 -26.49
CA SER A 65 -5.32 -31.48 -27.60
C SER A 65 -5.79 -30.08 -27.19
N GLY A 66 -7.05 -29.71 -27.39
CA GLY A 66 -7.52 -28.43 -26.93
C GLY A 66 -8.27 -28.50 -25.61
N ASP A 67 -7.95 -29.50 -24.78
CA ASP A 67 -8.67 -29.74 -23.55
C ASP A 67 -7.71 -29.88 -22.38
N TYR A 68 -8.28 -29.99 -21.18
CA TYR A 68 -7.54 -30.04 -19.94
C TYR A 68 -7.97 -31.28 -19.17
N TYR A 69 -6.99 -32.00 -18.63
CA TYR A 69 -7.22 -33.31 -18.06
C TYR A 69 -6.72 -33.30 -16.62
N ILE A 70 -7.56 -33.76 -15.72
CA ILE A 70 -7.20 -33.83 -14.31
C ILE A 70 -7.81 -35.10 -13.73
N GLY A 71 -6.99 -35.88 -13.03
CA GLY A 71 -7.44 -37.18 -12.56
C GLY A 71 -7.99 -38.09 -13.65
N GLY A 72 -7.54 -37.90 -14.89
CA GLY A 72 -8.04 -38.64 -16.03
C GLY A 72 -9.34 -38.13 -16.62
N ARG A 73 -9.92 -37.07 -16.05
CA ARG A 73 -11.16 -36.47 -16.53
C ARG A 73 -10.88 -35.30 -17.47
N ARG A 74 -11.76 -35.14 -18.47
CA ARG A 74 -11.59 -34.17 -19.55
C ARG A 74 -12.51 -32.96 -19.38
N PHE A 75 -11.95 -31.76 -19.60
CA PHE A 75 -12.66 -30.49 -19.50
C PHE A 75 -12.30 -29.59 -20.68
N SER A 76 -13.32 -28.94 -21.27
CA SER A 76 -13.09 -28.05 -22.41
C SER A 76 -12.31 -26.79 -22.03
N SER A 77 -12.31 -26.41 -20.77
CA SER A 77 -11.65 -25.18 -20.36
C SER A 77 -11.33 -25.29 -18.88
N LEU A 78 -10.40 -24.45 -18.42
CA LEU A 78 -10.11 -24.39 -16.99
C LEU A 78 -11.33 -23.93 -16.22
N SER A 79 -12.11 -23.02 -16.81
CA SER A 79 -13.33 -22.55 -16.17
C SER A 79 -14.30 -23.69 -15.92
N ASP A 80 -14.49 -24.57 -16.92
CA ASP A 80 -15.39 -25.71 -16.72
C ASP A 80 -14.88 -26.58 -15.58
N LEU A 81 -13.57 -26.80 -15.50
CA LEU A 81 -13.00 -27.59 -14.42
C LEU A 81 -13.30 -26.98 -13.05
N ILE A 82 -13.10 -25.67 -12.94
CA ILE A 82 -13.38 -25.01 -11.67
C ILE A 82 -14.85 -25.09 -11.32
N GLY A 83 -15.72 -24.83 -12.30
CA GLY A 83 -17.15 -25.00 -12.06
C GLY A 83 -17.48 -26.40 -11.57
N TYR A 84 -16.79 -27.40 -12.14
CA TYR A 84 -17.07 -28.78 -11.79
C TYR A 84 -16.73 -29.05 -10.33
N TYR A 85 -15.57 -28.59 -9.89
CA TYR A 85 -15.18 -28.87 -8.52
C TYR A 85 -15.65 -27.81 -7.52
N SER A 86 -16.36 -26.78 -7.99
CA SER A 86 -17.06 -25.88 -7.08
C SER A 86 -18.50 -26.31 -6.83
N HIS A 87 -19.17 -26.84 -7.85
CA HIS A 87 -20.61 -27.00 -7.75
C HIS A 87 -21.14 -28.37 -8.15
N VAL A 88 -20.32 -29.25 -8.71
CA VAL A 88 -20.80 -30.53 -9.21
C VAL A 88 -20.29 -31.70 -8.36
N SER A 89 -18.98 -31.78 -8.16
CA SER A 89 -18.37 -32.85 -7.38
C SER A 89 -17.32 -32.27 -6.45
N SER A 90 -16.97 -33.05 -5.41
CA SER A 90 -15.94 -32.63 -4.48
C SER A 90 -14.54 -32.91 -5.06
N LEU A 91 -13.57 -32.13 -4.58
CA LEU A 91 -12.16 -32.24 -4.97
C LEU A 91 -11.42 -33.20 -4.07
N LEU A 92 -11.57 -33.03 -2.76
CA LEU A 92 -11.17 -33.99 -1.76
C LEU A 92 -12.43 -34.43 -1.03
N LYS A 93 -12.34 -35.54 -0.32
CA LYS A 93 -13.51 -36.07 0.36
C LYS A 93 -14.10 -34.99 1.26
N GLY A 94 -15.35 -34.62 0.97
CA GLY A 94 -16.08 -33.61 1.73
C GLY A 94 -15.59 -32.18 1.54
N GLU A 95 -14.89 -31.87 0.46
CA GLU A 95 -14.40 -30.51 0.30
C GLU A 95 -14.54 -30.08 -1.15
N LYS A 96 -14.97 -28.84 -1.34
CA LYS A 96 -15.20 -28.28 -2.67
C LYS A 96 -14.44 -26.97 -2.77
N LEU A 97 -14.19 -26.54 -4.00
CA LEU A 97 -13.63 -25.22 -4.22
C LEU A 97 -14.62 -24.17 -3.72
N LEU A 98 -14.14 -23.25 -2.87
CA LEU A 98 -15.02 -22.27 -2.24
C LEU A 98 -14.64 -20.83 -2.54
N TYR A 99 -13.37 -20.47 -2.41
CA TYR A 99 -12.96 -19.06 -2.48
C TYR A 99 -11.85 -18.88 -3.50
N PRO A 100 -12.13 -18.29 -4.66
CA PRO A 100 -11.05 -17.99 -5.60
C PRO A 100 -10.14 -16.92 -5.03
N VAL A 101 -8.83 -17.11 -5.21
CA VAL A 101 -7.83 -16.12 -4.80
C VAL A 101 -7.28 -15.46 -6.05
N ALA A 102 -7.48 -14.14 -6.16
CA ALA A 102 -7.05 -13.37 -7.33
C ALA A 102 -5.55 -13.04 -7.25
N PRO A 103 -4.87 -12.98 -8.40
CA PRO A 103 -3.48 -12.54 -8.39
C PRO A 103 -3.40 -11.07 -8.00
N PRO A 104 -2.27 -10.63 -7.43
CA PRO A 104 -2.17 -9.23 -7.01
C PRO A 104 -2.06 -8.29 -8.19
N GLU A 105 -3.21 -7.85 -8.70
CA GLU A 105 -3.28 -6.94 -9.83
C GLU A 105 -2.90 -5.52 -9.41
N PRO A 106 -2.04 -4.84 -10.16
CA PRO A 106 -1.67 -3.45 -9.81
C PRO A 106 -2.80 -2.49 -10.15
N VAL A 107 -3.19 -1.68 -9.17
CA VAL A 107 -4.25 -0.69 -9.37
C VAL A 107 -3.76 0.67 -8.90
N GLU A 108 -4.12 1.71 -9.64
CA GLU A 108 -3.85 3.08 -9.22
C GLU A 108 -5.20 3.74 -8.99
N ASP A 109 -5.49 4.06 -7.74
CA ASP A 109 -6.75 4.69 -7.37
C ASP A 109 -6.70 6.20 -7.46
N ARG A 110 -5.52 6.79 -7.47
CA ARG A 110 -5.38 8.25 -7.53
C ARG A 110 -5.52 8.74 -8.97
N ARG A 111 -6.00 9.97 -9.10
CA ARG A 111 -6.17 10.59 -10.41
C ARG A 111 -4.80 10.87 -11.03
N ARG A 112 -4.70 10.65 -12.35
CA ARG A 112 -3.46 10.91 -13.08
C ARG A 112 -3.73 11.77 -14.31
N VAL A 113 -2.75 12.62 -14.63
CA VAL A 113 -2.83 13.44 -15.83
C VAL A 113 -1.51 13.34 -16.59
N ARG A 114 -1.54 13.77 -17.84
CA ARG A 114 -0.38 13.71 -18.72
C ARG A 114 -0.16 15.08 -19.36
N ALA A 115 1.10 15.51 -19.40
CA ALA A 115 1.40 16.81 -20.00
C ALA A 115 1.25 16.75 -21.52
N ILE A 116 0.55 17.74 -22.09
CA ILE A 116 0.46 17.88 -23.56
C ILE A 116 1.45 18.89 -24.10
N LEU A 117 2.15 19.60 -23.24
CA LEU A 117 3.15 20.59 -23.60
C LEU A 117 4.22 20.57 -22.52
N PRO A 118 5.44 20.99 -22.84
CA PRO A 118 6.44 21.20 -21.79
C PRO A 118 6.18 22.50 -21.05
N TYR A 119 6.76 22.61 -19.85
CA TYR A 119 6.57 23.82 -19.06
C TYR A 119 7.81 24.10 -18.22
N THR A 120 8.22 25.36 -18.20
CA THR A 120 9.31 25.82 -17.35
C THR A 120 8.70 26.62 -16.20
N LYS A 121 8.94 26.15 -14.97
CA LYS A 121 8.38 26.81 -13.81
C LYS A 121 8.91 28.23 -13.68
N VAL A 122 8.09 29.08 -13.06
CA VAL A 122 8.57 30.39 -12.58
C VAL A 122 9.47 30.16 -11.38
N PRO A 123 10.71 30.68 -11.39
CA PRO A 123 11.65 30.35 -10.31
C PRO A 123 11.15 30.76 -8.93
N ASP A 124 11.59 30.01 -7.91
CA ASP A 124 11.32 30.31 -6.51
C ASP A 124 9.83 30.30 -6.18
N THR A 125 9.07 29.45 -6.86
CA THR A 125 7.66 29.25 -6.57
C THR A 125 7.39 27.77 -6.38
N ASP A 126 6.15 27.48 -5.98
CA ASP A 126 5.72 26.10 -5.80
C ASP A 126 5.43 25.37 -7.11
N GLU A 127 5.51 26.05 -8.25
CA GLU A 127 5.37 25.37 -9.54
C GLU A 127 6.50 24.38 -9.77
N ILE A 128 6.22 23.36 -10.59
CA ILE A 128 7.25 22.41 -11.03
C ILE A 128 7.30 22.42 -12.56
N SER A 129 8.48 22.14 -13.10
CA SER A 129 8.67 22.05 -14.55
C SER A 129 8.36 20.64 -15.04
N PHE A 130 8.11 20.50 -16.34
CA PHE A 130 7.82 19.17 -16.86
C PHE A 130 7.99 19.14 -18.37
N LEU A 131 8.13 17.93 -18.90
CA LEU A 131 8.23 17.69 -20.33
C LEU A 131 6.91 17.17 -20.87
N LYS A 132 6.70 17.38 -22.16
CA LYS A 132 5.57 16.75 -22.83
C LYS A 132 5.64 15.24 -22.64
N GLY A 133 4.51 14.64 -22.29
CA GLY A 133 4.47 13.23 -22.00
C GLY A 133 4.65 12.86 -20.53
N ASP A 134 5.12 13.78 -19.69
CA ASP A 134 5.23 13.47 -18.27
C ASP A 134 3.87 13.07 -17.72
N MET A 135 3.87 12.09 -16.82
CA MET A 135 2.65 11.71 -16.12
C MET A 135 2.71 12.23 -14.70
N PHE A 136 1.54 12.55 -14.15
CA PHE A 136 1.43 13.09 -12.80
C PHE A 136 0.37 12.34 -12.00
N ILE A 137 0.65 12.19 -10.71
CA ILE A 137 -0.40 11.88 -9.73
C ILE A 137 -0.99 13.20 -9.24
N VAL A 138 -2.31 13.32 -9.28
CA VAL A 138 -3.00 14.50 -8.79
C VAL A 138 -3.39 14.23 -7.35
N HIS A 139 -2.88 15.04 -6.42
CA HIS A 139 -3.24 14.93 -5.01
C HIS A 139 -4.45 15.77 -4.68
N ASN A 140 -4.56 16.98 -5.25
CA ASN A 140 -5.78 17.74 -5.14
C ASN A 140 -5.80 18.82 -6.21
N GLU A 141 -6.98 19.36 -6.45
CA GLU A 141 -7.19 20.39 -7.44
C GLU A 141 -7.76 21.61 -6.76
N LEU A 142 -7.17 22.77 -7.06
CA LEU A 142 -7.62 24.05 -6.52
C LEU A 142 -8.59 24.70 -7.50
N GLU A 143 -9.36 25.66 -6.99
CA GLU A 143 -10.33 26.31 -7.88
C GLU A 143 -9.71 27.36 -8.79
N ASP A 144 -8.40 27.62 -8.68
CA ASP A 144 -7.74 28.47 -9.67
C ASP A 144 -7.46 27.75 -10.97
N GLY A 145 -7.93 26.52 -11.13
CA GLY A 145 -7.53 25.67 -12.23
C GLY A 145 -6.23 24.94 -12.00
N TRP A 146 -5.57 25.16 -10.86
CA TRP A 146 -4.28 24.58 -10.56
C TRP A 146 -4.44 23.30 -9.75
N MET A 147 -3.41 22.47 -9.79
CA MET A 147 -3.42 21.17 -9.14
C MET A 147 -2.10 20.94 -8.43
N TRP A 148 -2.19 20.33 -7.25
CA TRP A 148 -1.02 19.88 -6.53
C TRP A 148 -0.74 18.44 -6.93
N VAL A 149 0.42 18.17 -7.52
CA VAL A 149 0.69 16.89 -8.17
C VAL A 149 2.10 16.43 -7.82
N THR A 150 2.38 15.16 -8.14
CA THR A 150 3.73 14.61 -8.20
C THR A 150 4.01 14.18 -9.62
N ASN A 151 5.12 14.66 -10.17
CA ASN A 151 5.59 14.27 -11.50
C ASN A 151 6.26 12.91 -11.36
N LEU A 152 5.80 11.91 -12.11
CA LEU A 152 6.30 10.56 -11.90
C LEU A 152 7.71 10.38 -12.43
N ARG A 153 8.09 11.14 -13.45
CA ARG A 153 9.44 11.00 -14.01
C ARG A 153 10.48 11.56 -13.05
N THR A 154 10.23 12.73 -12.49
CA THR A 154 11.20 13.46 -11.68
C THR A 154 10.97 13.30 -10.19
N ASP A 155 9.78 12.85 -9.78
CA ASP A 155 9.32 12.80 -8.40
C ASP A 155 9.23 14.17 -7.73
N GLU A 156 9.39 15.26 -8.47
CA GLU A 156 9.13 16.56 -7.89
C GLU A 156 7.63 16.71 -7.63
N GLN A 157 7.30 17.49 -6.61
CA GLN A 157 5.91 17.69 -6.21
C GLN A 157 5.63 19.18 -6.14
N GLY A 158 4.48 19.59 -6.65
CA GLY A 158 4.14 21.01 -6.68
C GLY A 158 2.95 21.30 -7.57
N LEU A 159 2.86 22.57 -7.98
CA LEU A 159 1.69 23.05 -8.72
C LEU A 159 1.89 22.95 -10.22
N ILE A 160 0.83 22.53 -10.91
CA ILE A 160 0.73 22.68 -12.37
C ILE A 160 -0.67 23.16 -12.73
N VAL A 161 -0.81 23.68 -13.95
CA VAL A 161 -2.08 24.22 -14.41
C VAL A 161 -2.77 23.20 -15.32
N GLU A 162 -4.08 23.03 -15.11
CA GLU A 162 -4.82 21.99 -15.80
C GLU A 162 -4.87 22.20 -17.32
N ASP A 163 -4.63 23.43 -17.79
CA ASP A 163 -4.69 23.72 -19.21
C ASP A 163 -3.58 23.01 -19.99
N LEU A 164 -2.55 22.52 -19.33
CA LEU A 164 -1.43 21.88 -20.00
C LEU A 164 -1.44 20.35 -19.88
N VAL A 165 -2.52 19.76 -19.36
CA VAL A 165 -2.57 18.31 -19.17
C VAL A 165 -3.89 17.76 -19.67
N GLU A 166 -3.91 16.44 -19.87
CA GLU A 166 -5.09 15.67 -20.22
C GLU A 166 -5.22 14.51 -19.24
N GLU A 167 -6.41 13.92 -19.17
CA GLU A 167 -6.65 12.84 -18.24
C GLU A 167 -5.99 11.55 -18.73
N VAL A 168 -5.67 10.67 -17.77
CA VAL A 168 -5.07 9.37 -18.04
C VAL A 168 -6.06 8.29 -17.63
N GLY A 169 -6.16 7.24 -18.44
CA GLY A 169 -7.09 6.17 -18.14
C GLY A 169 -6.66 5.36 -16.92
N ARG A 170 -7.66 4.87 -16.19
CA ARG A 170 -7.42 4.07 -15.00
C ARG A 170 -6.70 2.76 -15.31
N GLU A 171 -6.69 2.34 -16.57
CA GLU A 171 -6.12 1.04 -16.94
C GLU A 171 -4.60 1.04 -17.00
N GLU A 172 -3.97 2.20 -17.18
CA GLU A 172 -2.52 2.24 -17.33
C GLU A 172 -1.84 1.72 -16.08
N ASP A 173 -0.72 1.04 -16.27
CA ASP A 173 0.04 0.49 -15.16
C ASP A 173 0.46 1.59 -14.19
N PRO A 174 0.44 1.32 -12.87
CA PRO A 174 0.84 2.36 -11.91
C PRO A 174 2.26 2.86 -12.09
N HIS A 175 3.13 2.12 -12.78
CA HIS A 175 4.49 2.58 -12.97
C HIS A 175 4.66 3.41 -14.24
N GLU A 176 3.59 3.64 -15.00
CA GLU A 176 3.69 4.49 -16.17
C GLU A 176 4.11 5.90 -15.78
N GLY A 177 5.09 6.43 -16.49
CA GLY A 177 5.68 7.70 -16.18
C GLY A 177 7.03 7.63 -15.51
N LYS A 178 7.36 6.49 -14.91
CA LYS A 178 8.70 6.26 -14.37
C LYS A 178 9.70 6.15 -15.53
N ILE A 179 10.91 6.70 -15.30
CA ILE A 179 11.90 6.80 -16.36
C ILE A 179 12.39 5.44 -16.82
N TRP A 180 12.39 4.44 -15.94
CA TRP A 180 12.89 3.10 -16.25
C TRP A 180 11.79 2.15 -16.69
N PHE A 181 10.55 2.62 -16.79
CA PHE A 181 9.42 1.73 -17.04
C PHE A 181 8.93 1.89 -18.47
N HIS A 182 8.65 0.76 -19.11
CA HIS A 182 8.11 0.74 -20.46
C HIS A 182 6.87 -0.15 -20.43
N GLY A 183 5.70 0.47 -20.53
CA GLY A 183 4.48 -0.31 -20.40
C GLY A 183 3.89 -0.85 -21.68
N LYS A 184 4.48 -0.54 -22.84
CA LYS A 184 3.92 -0.97 -24.11
C LYS A 184 4.84 -1.83 -24.95
N ILE A 185 6.16 -1.75 -24.78
CA ILE A 185 7.03 -2.50 -25.69
C ILE A 185 6.94 -3.99 -25.41
N SER A 186 7.32 -4.79 -26.40
CA SER A 186 7.36 -6.23 -26.29
C SER A 186 8.68 -6.70 -25.66
N LYS A 187 8.71 -7.98 -25.27
CA LYS A 187 9.94 -8.58 -24.75
C LYS A 187 11.07 -8.48 -25.77
N GLN A 188 10.76 -8.79 -27.04
CA GLN A 188 11.75 -8.70 -28.11
C GLN A 188 12.32 -7.29 -28.22
N GLU A 189 11.45 -6.28 -28.17
CA GLU A 189 11.89 -4.91 -28.31
C GLU A 189 12.72 -4.45 -27.11
N ALA A 190 12.40 -4.94 -25.91
CA ALA A 190 13.24 -4.63 -24.77
C ALA A 190 14.65 -5.16 -24.97
N TYR A 191 14.77 -6.40 -25.45
CA TYR A 191 16.10 -6.93 -25.77
C TYR A 191 16.80 -6.07 -26.81
N ASN A 192 16.10 -5.74 -27.91
CA ASN A 192 16.69 -4.95 -28.98
C ASN A 192 17.14 -3.59 -28.50
N LEU A 193 16.30 -2.91 -27.71
CA LEU A 193 16.61 -1.59 -27.19
C LEU A 193 17.87 -1.65 -26.33
N LEU A 194 17.96 -2.64 -25.44
CA LEU A 194 19.14 -2.70 -24.58
C LEU A 194 20.39 -3.01 -25.37
N MET A 195 20.26 -3.74 -26.49
CA MET A 195 21.44 -4.03 -27.29
C MET A 195 21.89 -2.86 -28.14
N THR A 196 20.96 -2.16 -28.79
CA THR A 196 21.33 -1.07 -29.69
C THR A 196 21.56 0.24 -28.94
N VAL A 197 20.54 0.71 -28.22
CA VAL A 197 20.57 2.02 -27.59
C VAL A 197 21.17 1.97 -26.19
N GLY A 198 20.87 0.93 -25.42
CA GLY A 198 21.44 0.81 -24.08
C GLY A 198 22.93 0.60 -24.11
N GLN A 199 23.55 0.86 -22.97
CA GLN A 199 24.96 0.58 -22.75
C GLN A 199 25.09 -0.51 -21.70
N VAL A 200 26.34 -0.92 -21.43
CA VAL A 200 26.58 -1.86 -20.35
C VAL A 200 26.07 -1.25 -19.05
N SER A 201 25.35 -2.04 -18.28
CA SER A 201 24.73 -1.70 -16.99
C SER A 201 23.47 -0.88 -17.18
N SER A 202 23.01 -0.70 -18.40
CA SER A 202 21.67 -0.15 -18.62
C SER A 202 20.63 -1.19 -18.25
N PHE A 203 19.41 -0.70 -18.00
CA PHE A 203 18.35 -1.55 -17.52
C PHE A 203 17.01 -0.94 -17.89
N LEU A 204 15.96 -1.75 -17.78
CA LEU A 204 14.60 -1.26 -17.88
C LEU A 204 13.70 -2.24 -17.15
N VAL A 205 12.46 -1.84 -16.92
CA VAL A 205 11.46 -2.69 -16.27
C VAL A 205 10.22 -2.70 -17.16
N ARG A 206 9.63 -3.88 -17.33
CA ARG A 206 8.33 -3.94 -18.01
C ARG A 206 7.48 -4.98 -17.32
N PRO A 207 6.18 -5.03 -17.58
CA PRO A 207 5.36 -6.09 -16.97
C PRO A 207 5.65 -7.44 -17.61
N SER A 208 5.47 -8.50 -16.84
CA SER A 208 5.58 -9.86 -17.34
C SER A 208 4.42 -10.19 -18.28
N ASP A 209 4.74 -10.88 -19.37
CA ASP A 209 3.69 -11.37 -20.25
C ASP A 209 3.03 -12.64 -19.73
N ASN A 210 3.72 -13.40 -18.88
CA ASN A 210 3.25 -14.73 -18.49
C ASN A 210 2.69 -14.81 -17.07
N THR A 211 2.93 -13.81 -16.23
CA THR A 211 2.46 -13.84 -14.85
C THR A 211 1.78 -12.52 -14.53
N PRO A 212 0.45 -12.48 -14.48
CA PRO A 212 -0.24 -11.25 -14.11
C PRO A 212 0.26 -10.70 -12.78
N GLY A 213 0.65 -9.44 -12.77
CA GLY A 213 1.13 -8.79 -11.57
C GLY A 213 2.63 -8.73 -11.43
N ASP A 214 3.35 -9.60 -12.14
CA ASP A 214 4.81 -9.60 -12.07
C ASP A 214 5.41 -8.54 -12.99
N TYR A 215 6.66 -8.20 -12.71
CA TYR A 215 7.45 -7.35 -13.59
C TYR A 215 8.80 -7.99 -13.85
N SER A 216 9.47 -7.56 -14.91
CA SER A 216 10.78 -8.07 -15.26
C SER A 216 11.75 -6.92 -15.37
N LEU A 217 12.89 -7.06 -14.70
CA LEU A 217 13.99 -6.12 -14.76
C LEU A 217 14.98 -6.69 -15.78
N TYR A 218 15.14 -5.98 -16.90
CA TYR A 218 16.11 -6.35 -17.93
C TYR A 218 17.41 -5.60 -17.67
N PHE A 219 18.54 -6.31 -17.66
CA PHE A 219 19.84 -5.73 -17.32
C PHE A 219 20.90 -6.18 -18.31
N ARG A 220 21.75 -5.26 -18.74
CA ARG A 220 22.72 -5.56 -19.79
C ARG A 220 24.11 -5.64 -19.18
N THR A 221 24.70 -6.82 -19.26
CA THR A 221 26.10 -7.07 -18.92
C THR A 221 26.96 -6.83 -20.16
N ASN A 222 28.26 -7.12 -20.05
CA ASN A 222 29.13 -6.97 -21.21
C ASN A 222 28.81 -7.98 -22.31
N GLU A 223 28.28 -9.15 -21.95
CA GLU A 223 28.07 -10.21 -22.93
C GLU A 223 26.61 -10.43 -23.32
N ASN A 224 25.67 -10.22 -22.41
CA ASN A 224 24.29 -10.58 -22.72
C ASN A 224 23.34 -9.71 -21.92
N ILE A 225 22.05 -10.01 -22.02
CA ILE A 225 21.00 -9.37 -21.26
C ILE A 225 20.37 -10.41 -20.35
N GLN A 226 20.23 -10.07 -19.07
CA GLN A 226 19.63 -10.94 -18.08
C GLN A 226 18.31 -10.35 -17.59
N ARG A 227 17.36 -11.23 -17.33
CA ARG A 227 16.01 -10.86 -16.89
C ARG A 227 15.80 -11.35 -15.47
N PHE A 228 15.37 -10.45 -14.58
CA PHE A 228 15.11 -10.79 -13.19
C PHE A 228 13.63 -10.61 -12.88
N LYS A 229 13.05 -11.53 -12.13
CA LYS A 229 11.62 -11.48 -11.83
C LYS A 229 11.37 -10.65 -10.57
N ILE A 230 10.46 -9.68 -10.68
CA ILE A 230 9.96 -8.92 -9.54
C ILE A 230 8.51 -9.34 -9.32
N SER A 231 8.20 -9.77 -8.11
CA SER A 231 6.90 -10.33 -7.85
C SER A 231 6.23 -9.57 -6.70
N PRO A 232 4.97 -9.18 -6.83
CA PRO A 232 4.32 -8.45 -5.75
C PRO A 232 3.89 -9.38 -4.64
N THR A 233 3.85 -8.84 -3.46
CA THR A 233 3.23 -9.58 -2.39
C THR A 233 1.78 -9.15 -2.23
N PRO A 234 0.97 -9.94 -1.54
CA PRO A 234 -0.36 -9.46 -1.15
C PRO A 234 -0.34 -8.37 -0.08
N ASN A 235 0.83 -7.84 0.24
CA ASN A 235 0.99 -6.86 1.31
C ASN A 235 1.62 -5.56 0.81
N ASN A 236 1.40 -5.23 -0.47
CA ASN A 236 1.80 -3.96 -1.08
C ASN A 236 3.32 -3.80 -1.17
N GLN A 237 4.04 -4.91 -1.22
CA GLN A 237 5.48 -4.91 -1.42
C GLN A 237 5.81 -5.68 -2.69
N PHE A 238 7.11 -5.72 -3.00
CA PHE A 238 7.65 -6.44 -4.14
C PHE A 238 8.84 -7.29 -3.71
N MET A 239 8.99 -8.43 -4.35
N MET A 239 8.94 -8.49 -4.27
CA MET A 239 10.00 -9.43 -4.02
CA MET A 239 10.04 -9.41 -3.99
C MET A 239 10.91 -9.63 -5.23
C MET A 239 10.92 -9.55 -5.22
N MET A 240 12.22 -9.62 -4.99
CA MET A 240 13.17 -10.00 -6.03
C MET A 240 14.34 -10.74 -5.36
N GLY A 241 14.65 -11.93 -5.86
CA GLY A 241 15.70 -12.73 -5.24
C GLY A 241 15.45 -13.01 -3.78
N GLY A 242 14.19 -13.20 -3.40
CA GLY A 242 13.87 -13.46 -2.01
C GLY A 242 13.98 -12.26 -1.09
N ARG A 243 14.31 -11.09 -1.61
CA ARG A 243 14.39 -9.87 -0.80
C ARG A 243 13.15 -9.03 -1.05
N TYR A 244 12.75 -8.24 -0.04
CA TYR A 244 11.46 -7.56 -0.01
C TYR A 244 11.63 -6.04 0.01
N TYR A 245 10.75 -5.35 -0.72
CA TYR A 245 10.92 -3.93 -1.01
C TYR A 245 9.56 -3.25 -1.04
N ASN A 246 9.54 -1.97 -0.67
CA ASN A 246 8.29 -1.20 -0.67
C ASN A 246 7.86 -0.75 -2.05
N SER A 247 8.77 -0.70 -3.00
CA SER A 247 8.48 -0.21 -4.35
C SER A 247 9.56 -0.76 -5.26
N ILE A 248 9.27 -0.76 -6.56
CA ILE A 248 10.28 -1.14 -7.55
C ILE A 248 11.40 -0.11 -7.58
N GLY A 249 11.07 1.16 -7.34
CA GLY A 249 12.10 2.17 -7.20
C GLY A 249 13.11 1.81 -6.12
N ASP A 250 12.63 1.24 -5.02
CA ASP A 250 13.55 0.80 -3.97
C ASP A 250 14.47 -0.31 -4.46
N ILE A 251 13.95 -1.23 -5.27
CA ILE A 251 14.79 -2.27 -5.86
C ILE A 251 15.90 -1.64 -6.68
N ILE A 252 15.55 -0.63 -7.47
CA ILE A 252 16.56 0.02 -8.31
C ILE A 252 17.62 0.70 -7.45
N ASP A 253 17.21 1.40 -6.39
CA ASP A 253 18.19 2.00 -5.49
C ASP A 253 19.09 0.94 -4.85
N HIS A 254 18.48 -0.15 -4.40
CA HIS A 254 19.24 -1.24 -3.79
C HIS A 254 20.33 -1.72 -4.73
N TYR A 255 19.99 -1.92 -6.00
CA TYR A 255 20.99 -2.44 -6.93
C TYR A 255 21.84 -1.36 -7.57
N ARG A 256 21.61 -0.10 -7.20
CA ARG A 256 22.63 0.91 -7.42
C ARG A 256 23.65 0.91 -6.30
N LYS A 257 23.28 0.41 -5.12
CA LYS A 257 24.22 0.33 -4.02
C LYS A 257 24.84 -1.06 -3.84
N GLU A 258 24.22 -2.11 -4.38
CA GLU A 258 24.73 -3.48 -4.30
C GLU A 258 24.78 -4.09 -5.69
N GLN A 259 25.71 -5.03 -5.89
CA GLN A 259 25.87 -5.65 -7.20
C GLN A 259 24.69 -6.55 -7.53
N ILE A 260 24.13 -6.38 -8.72
CA ILE A 260 23.03 -7.21 -9.18
C ILE A 260 23.55 -8.49 -9.84
N VAL A 261 24.66 -8.37 -10.54
CA VAL A 261 25.43 -9.48 -11.08
C VAL A 261 26.86 -9.21 -10.66
N GLU A 262 27.62 -10.29 -10.39
CA GLU A 262 29.00 -10.11 -9.94
C GLU A 262 29.76 -9.20 -10.89
N GLY A 263 30.25 -8.09 -10.37
CA GLY A 263 30.94 -7.11 -11.19
C GLY A 263 30.07 -6.08 -11.87
N TYR A 264 28.79 -5.94 -11.49
CA TYR A 264 27.89 -4.99 -12.14
C TYR A 264 26.94 -4.34 -11.14
N TYR A 265 26.75 -3.03 -11.29
CA TYR A 265 25.68 -2.29 -10.62
C TYR A 265 24.76 -1.70 -11.68
N LEU A 266 23.52 -1.39 -11.28
CA LEU A 266 22.67 -0.60 -12.16
C LEU A 266 23.29 0.78 -12.33
N LYS A 267 23.35 1.26 -13.58
CA LYS A 267 23.76 2.63 -13.84
C LYS A 267 22.52 3.39 -14.29
N GLU A 268 22.30 3.57 -15.59
CA GLU A 268 21.21 4.44 -16.03
C GLU A 268 20.17 3.65 -16.82
N PRO A 269 18.89 3.97 -16.69
CA PRO A 269 17.90 3.33 -17.53
C PRO A 269 18.18 3.67 -18.98
N VAL A 270 17.79 2.78 -19.88
CA VAL A 270 17.94 3.08 -21.30
C VAL A 270 16.98 4.22 -21.66
N PRO A 271 17.43 5.26 -22.35
CA PRO A 271 16.54 6.40 -22.62
C PRO A 271 15.33 5.97 -23.43
N MET A 272 14.24 6.70 -23.25
CA MET A 272 12.91 6.28 -23.72
C MET A 272 12.25 7.31 -24.65
N SER B 2 -29.17 -0.33 18.00
CA SER B 2 -29.51 0.37 16.77
C SER B 2 -29.16 -0.46 15.53
N THR B 3 -29.76 -0.10 14.39
CA THR B 3 -29.48 -0.78 13.14
C THR B 3 -28.29 -0.18 12.39
N ALA B 4 -27.59 0.80 12.97
CA ALA B 4 -26.47 1.42 12.30
C ALA B 4 -25.27 0.47 12.29
N PRO B 5 -24.36 0.64 11.33
CA PRO B 5 -23.11 -0.13 11.35
C PRO B 5 -22.27 0.25 12.56
N PRO B 6 -21.32 -0.59 12.95
CA PRO B 6 -20.44 -0.25 14.07
C PRO B 6 -19.78 1.10 13.83
N THR B 7 -19.51 1.81 14.94
CA THR B 7 -19.03 3.19 14.83
C THR B 7 -17.71 3.28 14.07
N ASN B 8 -16.84 2.27 14.20
CA ASN B 8 -15.54 2.33 13.53
C ASN B 8 -15.65 2.20 12.02
N GLN B 9 -16.86 2.03 11.47
CA GLN B 9 -17.04 2.02 10.03
C GLN B 9 -17.47 3.38 9.47
N TRP B 10 -17.76 4.37 10.34
CA TRP B 10 -18.13 5.68 9.82
C TRP B 10 -17.66 6.86 10.66
N TYR B 11 -17.03 6.66 11.81
CA TYR B 11 -16.63 7.80 12.65
C TYR B 11 -15.15 8.13 12.43
N HIS B 12 -14.88 9.37 12.02
CA HIS B 12 -13.54 9.82 11.67
C HIS B 12 -12.91 10.73 12.73
N GLY B 13 -13.58 10.94 13.86
CA GLY B 13 -13.00 11.84 14.84
C GLY B 13 -12.93 13.28 14.33
N LYS B 14 -11.95 14.01 14.85
CA LYS B 14 -11.81 15.42 14.49
C LYS B 14 -11.26 15.52 13.07
N LEU B 15 -11.99 16.17 12.18
CA LEU B 15 -11.64 16.13 10.76
C LEU B 15 -12.20 17.36 10.06
N ASP B 16 -11.39 17.98 9.20
CA ASP B 16 -11.87 19.19 8.52
C ASP B 16 -12.66 18.83 7.25
N ARG B 17 -13.29 19.86 6.67
CA ARG B 17 -14.19 19.62 5.54
C ARG B 17 -13.43 19.11 4.31
N THR B 18 -12.24 19.65 4.05
CA THR B 18 -11.50 19.26 2.86
C THR B 18 -11.16 17.77 2.86
N ILE B 19 -10.60 17.27 3.97
CA ILE B 19 -10.23 15.86 4.02
C ILE B 19 -11.47 14.98 4.00
N ALA B 20 -12.55 15.43 4.65
CA ALA B 20 -13.77 14.64 4.66
C ALA B 20 -14.30 14.46 3.25
N GLU B 21 -14.30 15.54 2.46
CA GLU B 21 -14.76 15.43 1.07
C GLU B 21 -13.81 14.57 0.24
N GLU B 22 -12.49 14.68 0.47
CA GLU B 22 -11.57 13.81 -0.25
C GLU B 22 -11.88 12.34 0.00
N ARG B 23 -12.13 11.97 1.27
CA ARG B 23 -12.37 10.58 1.58
C ARG B 23 -13.71 10.09 1.02
N LEU B 24 -14.72 10.96 1.07
CA LEU B 24 -16.01 10.55 0.51
C LEU B 24 -15.91 10.37 -1.00
N ARG B 25 -15.19 11.28 -1.69
CA ARG B 25 -15.07 11.15 -3.13
C ARG B 25 -14.17 9.99 -3.52
N GLN B 26 -13.18 9.66 -2.68
CA GLN B 26 -12.40 8.45 -2.94
C GLN B 26 -13.29 7.22 -2.87
N ALA B 27 -14.22 7.20 -1.91
CA ALA B 27 -15.21 6.12 -1.88
C ALA B 27 -15.99 6.05 -3.18
N GLY B 28 -16.67 7.15 -3.54
CA GLY B 28 -17.13 7.35 -4.90
C GLY B 28 -18.59 7.06 -5.16
N LYS B 29 -19.25 6.26 -4.33
CA LYS B 29 -20.63 5.88 -4.59
C LYS B 29 -21.58 6.90 -3.98
N SER B 30 -22.60 7.31 -4.74
CA SER B 30 -23.68 8.09 -4.17
C SER B 30 -24.29 7.34 -2.99
N GLY B 31 -24.54 8.07 -1.90
CA GLY B 31 -24.96 7.46 -0.67
C GLY B 31 -23.84 7.18 0.31
N SER B 32 -22.60 7.55 -0.03
CA SER B 32 -21.50 7.42 0.91
C SER B 32 -21.59 8.50 1.98
N TYR B 33 -21.21 8.15 3.21
CA TYR B 33 -21.34 9.11 4.30
C TYR B 33 -20.29 8.83 5.37
N LEU B 34 -20.03 9.85 6.17
CA LEU B 34 -19.24 9.69 7.39
C LEU B 34 -19.72 10.71 8.41
N ILE B 35 -19.32 10.47 9.66
CA ILE B 35 -19.52 11.45 10.72
C ILE B 35 -18.17 11.84 11.29
N ARG B 36 -17.99 13.14 11.53
CA ARG B 36 -16.74 13.66 12.06
C ARG B 36 -17.06 14.69 13.13
N GLU B 37 -16.09 14.95 14.01
CA GLU B 37 -16.16 16.12 14.87
C GLU B 37 -15.57 17.29 14.09
N SER B 38 -16.25 18.44 14.12
CA SER B 38 -15.79 19.59 13.37
C SER B 38 -14.42 20.04 13.86
N ASP B 39 -13.50 20.23 12.92
CA ASP B 39 -12.21 20.81 13.26
C ASP B 39 -12.34 22.29 13.61
N ARG B 40 -13.19 23.03 12.89
CA ARG B 40 -13.32 24.47 13.13
C ARG B 40 -14.20 24.77 14.34
N ARG B 41 -15.22 23.96 14.60
CA ARG B 41 -16.10 24.17 15.74
C ARG B 41 -16.09 22.94 16.63
N PRO B 42 -14.99 22.74 17.37
CA PRO B 42 -14.88 21.54 18.21
C PRO B 42 -16.03 21.47 19.20
N GLY B 43 -16.41 20.24 19.55
CA GLY B 43 -17.57 20.02 20.37
C GLY B 43 -18.86 19.86 19.59
N SER B 44 -18.84 20.14 18.29
CA SER B 44 -19.95 19.85 17.40
C SER B 44 -19.49 18.87 16.33
N PHE B 45 -20.45 18.18 15.73
CA PHE B 45 -20.17 17.09 14.81
C PHE B 45 -20.80 17.40 13.46
N VAL B 46 -20.48 16.59 12.47
CA VAL B 46 -20.90 16.84 11.11
C VAL B 46 -21.16 15.50 10.43
N LEU B 47 -22.34 15.37 9.85
CA LEU B 47 -22.65 14.27 8.95
C LEU B 47 -22.32 14.76 7.55
N SER B 48 -21.31 14.15 6.91
CA SER B 48 -20.90 14.49 5.56
C SER B 48 -21.40 13.41 4.62
N PHE B 49 -22.01 13.83 3.51
CA PHE B 49 -22.81 12.93 2.68
C PHE B 49 -22.52 13.22 1.21
N LEU B 50 -22.10 12.19 0.48
CA LEU B 50 -21.88 12.31 -0.96
C LEU B 50 -23.20 12.07 -1.69
N SER B 51 -23.71 13.11 -2.32
CA SER B 51 -24.93 13.04 -3.10
C SER B 51 -24.58 12.79 -4.57
N GLN B 52 -25.57 12.91 -5.44
CA GLN B 52 -25.33 12.75 -6.86
C GLN B 52 -24.56 13.96 -7.41
N MET B 53 -23.94 13.75 -8.58
CA MET B 53 -23.18 14.78 -9.27
C MET B 53 -22.01 15.29 -8.44
N ASN B 54 -21.34 14.39 -7.73
CA ASN B 54 -20.09 14.68 -7.03
C ASN B 54 -20.24 15.78 -5.98
N VAL B 55 -21.45 16.01 -5.50
CA VAL B 55 -21.71 17.04 -4.50
C VAL B 55 -21.64 16.41 -3.12
N VAL B 56 -20.91 17.06 -2.20
CA VAL B 56 -20.86 16.65 -0.80
C VAL B 56 -21.58 17.70 0.04
N ASN B 57 -22.60 17.27 0.76
CA ASN B 57 -23.28 18.14 1.70
C ASN B 57 -22.87 17.83 3.13
N HIS B 58 -22.94 18.86 3.98
CA HIS B 58 -22.49 18.75 5.37
C HIS B 58 -23.58 19.24 6.29
N PHE B 59 -23.98 18.40 7.24
CA PHE B 59 -25.07 18.69 8.15
C PHE B 59 -24.51 18.77 9.57
N ARG B 60 -24.75 19.91 10.21
CA ARG B 60 -24.25 20.12 11.56
C ARG B 60 -25.04 19.28 12.56
N ILE B 61 -24.34 18.80 13.57
CA ILE B 61 -24.93 18.03 14.66
C ILE B 61 -24.45 18.66 15.95
N ILE B 62 -25.37 19.08 16.80
CA ILE B 62 -25.04 19.76 18.04
C ILE B 62 -25.13 18.76 19.18
N ALA B 63 -24.12 18.75 20.05
CA ALA B 63 -24.13 17.90 21.23
C ALA B 63 -24.61 18.71 22.43
N MET B 64 -25.85 18.48 22.85
CA MET B 64 -26.42 19.15 24.02
C MET B 64 -26.77 18.12 25.08
N SER B 65 -26.30 18.36 26.31
CA SER B 65 -26.42 17.40 27.42
C SER B 65 -25.82 16.08 26.91
N GLY B 66 -26.48 14.95 27.10
CA GLY B 66 -25.93 13.72 26.58
C GLY B 66 -26.54 13.31 25.26
N ASP B 67 -27.02 14.28 24.47
CA ASP B 67 -27.72 13.96 23.25
C ASP B 67 -27.17 14.74 22.06
N TYR B 68 -27.66 14.38 20.88
CA TYR B 68 -27.20 14.91 19.60
C TYR B 68 -28.41 15.44 18.85
N TYR B 69 -28.27 16.63 18.26
CA TYR B 69 -29.39 17.35 17.69
C TYR B 69 -29.09 17.70 16.25
N ILE B 70 -30.02 17.34 15.37
CA ILE B 70 -29.90 17.65 13.95
C ILE B 70 -31.29 17.86 13.39
N GLY B 71 -31.46 18.94 12.63
CA GLY B 71 -32.78 19.31 12.15
C GLY B 71 -33.80 19.53 13.26
N GLY B 72 -33.34 19.90 14.46
CA GLY B 72 -34.21 20.05 15.60
C GLY B 72 -34.61 18.76 16.28
N ARG B 73 -34.17 17.62 15.76
CA ARG B 73 -34.49 16.31 16.32
C ARG B 73 -33.39 15.88 17.28
N ARG B 74 -33.80 15.16 18.33
CA ARG B 74 -32.92 14.70 19.41
C ARG B 74 -32.65 13.21 19.27
N PHE B 75 -31.39 12.82 19.43
CA PHE B 75 -30.96 11.44 19.34
C PHE B 75 -30.01 11.13 20.49
N SER B 76 -30.22 9.97 21.14
CA SER B 76 -29.38 9.60 22.26
C SER B 76 -27.95 9.27 21.83
N SER B 77 -27.73 8.95 20.57
CA SER B 77 -26.40 8.57 20.10
C SER B 77 -26.31 8.83 18.61
N LEU B 78 -25.06 8.94 18.13
CA LEU B 78 -24.83 9.10 16.70
C LEU B 78 -25.36 7.92 15.90
N SER B 79 -25.27 6.71 16.46
CA SER B 79 -25.81 5.54 15.77
C SER B 79 -27.31 5.70 15.51
N ASP B 80 -28.05 6.13 16.53
CA ASP B 80 -29.48 6.36 16.35
C ASP B 80 -29.73 7.46 15.32
N LEU B 81 -28.92 8.51 15.33
CA LEU B 81 -29.05 9.56 14.34
C LEU B 81 -28.92 9.00 12.93
N ILE B 82 -27.91 8.16 12.73
CA ILE B 82 -27.69 7.56 11.41
C ILE B 82 -28.87 6.68 11.04
N GLY B 83 -29.37 5.90 12.00
CA GLY B 83 -30.54 5.09 11.74
C GLY B 83 -31.73 5.93 11.26
N TYR B 84 -31.92 7.09 11.88
CA TYR B 84 -33.04 7.94 11.46
C TYR B 84 -32.82 8.47 10.06
N TYR B 85 -31.62 8.96 9.79
CA TYR B 85 -31.32 9.62 8.52
C TYR B 85 -30.88 8.64 7.44
N SER B 86 -31.04 7.35 7.66
CA SER B 86 -30.86 6.35 6.61
C SER B 86 -32.05 6.27 5.66
N HIS B 87 -33.17 6.91 5.99
CA HIS B 87 -34.42 6.76 5.25
C HIS B 87 -34.51 7.77 4.10
N VAL B 88 -35.54 7.60 3.26
CA VAL B 88 -35.64 8.36 2.02
C VAL B 88 -35.97 9.81 2.30
N SER B 89 -35.25 10.71 1.61
CA SER B 89 -35.50 12.15 1.68
C SER B 89 -35.38 12.70 3.10
N SER B 90 -34.58 12.04 3.94
CA SER B 90 -34.38 12.57 5.29
C SER B 90 -33.38 13.72 5.28
N LEU B 91 -32.26 13.56 4.58
CA LEU B 91 -31.30 14.65 4.47
C LEU B 91 -31.54 15.48 3.21
N LEU B 92 -31.50 14.83 2.05
CA LEU B 92 -31.86 15.46 0.80
C LEU B 92 -33.03 14.72 0.17
N LYS B 93 -33.79 15.43 -0.64
CA LYS B 93 -34.98 14.87 -1.26
C LYS B 93 -34.64 13.66 -2.10
N GLY B 94 -35.26 12.52 -1.78
CA GLY B 94 -35.07 11.32 -2.57
C GLY B 94 -33.73 10.64 -2.44
N GLU B 95 -33.06 10.79 -1.29
CA GLU B 95 -31.72 10.24 -1.12
C GLU B 95 -31.58 9.63 0.27
N LYS B 96 -30.83 8.53 0.35
CA LYS B 96 -30.63 7.78 1.58
C LYS B 96 -29.14 7.63 1.88
N LEU B 97 -28.83 7.44 3.16
CA LEU B 97 -27.50 6.96 3.53
C LEU B 97 -27.37 5.51 3.11
N LEU B 98 -26.30 5.19 2.37
CA LEU B 98 -26.13 3.86 1.83
C LEU B 98 -24.84 3.18 2.24
N TYR B 99 -23.71 3.89 2.17
CA TYR B 99 -22.40 3.27 2.35
C TYR B 99 -21.56 4.02 3.36
N PRO B 100 -21.35 3.47 4.56
CA PRO B 100 -20.45 4.12 5.51
C PRO B 100 -19.01 4.10 5.03
N VAL B 101 -18.31 5.21 5.21
CA VAL B 101 -16.90 5.31 4.85
C VAL B 101 -16.08 5.33 6.14
N ALA B 102 -15.24 4.30 6.32
CA ALA B 102 -14.39 4.16 7.48
C ALA B 102 -13.15 5.03 7.37
N PRO B 103 -12.64 5.56 8.48
CA PRO B 103 -11.39 6.31 8.42
C PRO B 103 -10.23 5.39 8.07
N PRO B 104 -9.18 5.91 7.45
CA PRO B 104 -8.03 5.05 7.11
C PRO B 104 -7.22 4.75 8.37
N GLU B 105 -7.68 3.77 9.12
CA GLU B 105 -6.97 3.36 10.32
C GLU B 105 -5.74 2.51 9.91
N PRO B 106 -4.58 2.73 10.53
CA PRO B 106 -3.39 1.98 10.13
C PRO B 106 -3.50 0.52 10.51
N VAL B 107 -3.28 -0.36 9.55
CA VAL B 107 -3.39 -1.80 9.74
C VAL B 107 -2.09 -2.45 9.30
N GLU B 108 -1.63 -3.42 10.09
CA GLU B 108 -0.45 -4.24 9.76
C GLU B 108 -0.91 -5.69 9.65
N ASP B 109 -0.89 -6.23 8.45
CA ASP B 109 -1.28 -7.62 8.23
C ASP B 109 -0.15 -8.61 8.33
N ARG B 110 1.09 -8.16 8.20
CA ARG B 110 2.22 -9.07 8.20
C ARG B 110 2.59 -9.47 9.63
N ARG B 111 3.15 -10.66 9.76
CA ARG B 111 3.55 -11.13 11.07
C ARG B 111 4.73 -10.32 11.59
N ARG B 112 4.67 -9.96 12.87
CA ARG B 112 5.72 -9.18 13.54
C ARG B 112 6.19 -9.90 14.79
N VAL B 113 7.49 -9.79 15.07
CA VAL B 113 8.04 -10.37 16.29
C VAL B 113 8.93 -9.33 16.97
N ARG B 114 9.23 -9.59 18.24
CA ARG B 114 9.99 -8.66 19.07
C ARG B 114 11.16 -9.39 19.71
N ALA B 115 12.34 -8.76 19.69
CA ALA B 115 13.51 -9.39 20.24
C ALA B 115 13.43 -9.45 21.75
N ILE B 116 13.73 -10.63 22.31
CA ILE B 116 13.81 -10.80 23.76
C ILE B 116 15.24 -10.71 24.26
N LEU B 117 16.22 -10.63 23.36
CA LEU B 117 17.63 -10.48 23.70
C LEU B 117 18.29 -9.68 22.59
N PRO B 118 19.43 -9.06 22.87
CA PRO B 118 20.26 -8.50 21.79
C PRO B 118 21.00 -9.61 21.06
N TYR B 119 21.46 -9.28 19.85
CA TYR B 119 22.22 -10.24 19.05
C TYR B 119 23.20 -9.52 18.13
N THR B 120 24.40 -10.08 18.03
CA THR B 120 25.42 -9.62 17.09
C THR B 120 25.56 -10.62 15.95
N LYS B 121 25.32 -10.18 14.72
CA LYS B 121 25.36 -11.06 13.57
C LYS B 121 26.75 -11.67 13.40
N VAL B 122 26.78 -12.85 12.80
CA VAL B 122 28.06 -13.38 12.34
C VAL B 122 28.52 -12.55 11.14
N PRO B 123 29.73 -12.00 11.17
CA PRO B 123 30.13 -11.06 10.12
C PRO B 123 30.05 -11.67 8.74
N ASP B 124 29.77 -10.83 7.75
CA ASP B 124 29.78 -11.24 6.34
C ASP B 124 28.75 -12.32 6.08
N THR B 125 27.65 -12.31 6.81
CA THR B 125 26.54 -13.20 6.55
C THR B 125 25.28 -12.38 6.34
N ASP B 126 24.21 -13.07 5.97
CA ASP B 126 22.91 -12.44 5.81
C ASP B 126 22.20 -12.25 7.13
N GLU B 127 22.78 -12.72 8.23
CA GLU B 127 22.19 -12.39 9.53
C GLU B 127 22.24 -10.88 9.74
N ILE B 128 21.34 -10.39 10.57
CA ILE B 128 21.35 -8.98 10.98
C ILE B 128 21.46 -8.92 12.49
N SER B 129 22.04 -7.82 12.98
CA SER B 129 22.14 -7.60 14.41
C SER B 129 20.89 -6.87 14.92
N PHE B 130 20.67 -6.96 16.22
CA PHE B 130 19.50 -6.31 16.82
C PHE B 130 19.67 -6.17 18.32
N LEU B 131 18.86 -5.28 18.89
CA LEU B 131 18.80 -5.06 20.33
C LEU B 131 17.55 -5.70 20.91
N LYS B 132 17.62 -6.00 22.20
CA LYS B 132 16.43 -6.41 22.94
C LYS B 132 15.35 -5.34 22.76
N GLY B 133 14.13 -5.78 22.45
CA GLY B 133 13.05 -4.87 22.19
C GLY B 133 12.83 -4.50 20.73
N ASP B 134 13.81 -4.74 19.85
CA ASP B 134 13.61 -4.46 18.43
C ASP B 134 12.39 -5.19 17.90
N MET B 135 11.66 -4.55 16.98
CA MET B 135 10.53 -5.18 16.31
C MET B 135 10.91 -5.52 14.87
N PHE B 136 10.34 -6.63 14.37
CA PHE B 136 10.64 -7.12 13.03
C PHE B 136 9.34 -7.44 12.29
N ILE B 137 9.35 -7.15 10.98
CA ILE B 137 8.36 -7.71 10.06
C ILE B 137 8.90 -9.05 9.55
N VAL B 138 8.09 -10.10 9.64
CA VAL B 138 8.47 -11.43 9.18
C VAL B 138 7.98 -11.62 7.75
N HIS B 139 8.90 -11.83 6.82
CA HIS B 139 8.55 -12.06 5.43
C HIS B 139 8.36 -13.54 5.11
N ASN B 140 9.19 -14.42 5.66
CA ASN B 140 8.98 -15.84 5.56
C ASN B 140 9.79 -16.54 6.64
N GLU B 141 9.45 -17.79 6.89
CA GLU B 141 10.15 -18.58 7.89
C GLU B 141 10.78 -19.80 7.22
N LEU B 142 12.04 -20.05 7.55
CA LEU B 142 12.77 -21.17 7.00
C LEU B 142 12.67 -22.37 7.95
N GLU B 143 12.93 -23.56 7.39
CA GLU B 143 12.80 -24.79 8.15
C GLU B 143 13.98 -25.08 9.06
N ASP B 144 15.04 -24.28 9.03
CA ASP B 144 16.12 -24.37 10.00
C ASP B 144 15.80 -23.65 11.31
N GLY B 145 14.56 -23.19 11.51
CA GLY B 145 14.21 -22.35 12.63
C GLY B 145 14.45 -20.87 12.42
N TRP B 146 14.94 -20.46 11.26
CA TRP B 146 15.31 -19.08 10.97
C TRP B 146 14.17 -18.38 10.22
N MET B 147 14.24 -17.05 10.22
CA MET B 147 13.23 -16.21 9.58
C MET B 147 13.93 -15.12 8.78
N TRP B 148 13.38 -14.79 7.62
CA TRP B 148 13.81 -13.62 6.85
C TRP B 148 12.92 -12.44 7.21
N VAL B 149 13.51 -11.38 7.76
CA VAL B 149 12.76 -10.31 8.40
C VAL B 149 13.33 -8.96 7.99
N THR B 150 12.58 -7.92 8.33
CA THR B 150 13.10 -6.56 8.31
C THR B 150 13.05 -5.99 9.72
N ASN B 151 14.18 -5.48 10.19
CA ASN B 151 14.27 -4.82 11.49
C ASN B 151 13.71 -3.41 11.34
N LEU B 152 12.67 -3.09 12.12
CA LEU B 152 11.98 -1.81 11.91
C LEU B 152 12.79 -0.63 12.41
N ARG B 153 13.67 -0.84 13.40
CA ARG B 153 14.50 0.27 13.85
C ARG B 153 15.57 0.62 12.82
N THR B 154 16.26 -0.39 12.28
CA THR B 154 17.40 -0.17 11.41
C THR B 154 17.08 -0.25 9.92
N ASP B 155 15.93 -0.80 9.56
CA ASP B 155 15.55 -1.10 8.18
C ASP B 155 16.46 -2.13 7.53
N GLU B 156 17.37 -2.74 8.29
CA GLU B 156 18.13 -3.83 7.73
C GLU B 156 17.24 -5.05 7.57
N GLN B 157 17.53 -5.84 6.55
CA GLN B 157 16.72 -7.00 6.20
C GLN B 157 17.63 -8.22 6.15
N GLY B 158 17.18 -9.33 6.71
CA GLY B 158 18.03 -10.52 6.73
C GLY B 158 17.51 -11.60 7.66
N LEU B 159 18.42 -12.50 8.04
CA LEU B 159 18.06 -13.71 8.78
C LEU B 159 18.15 -13.45 10.28
N ILE B 160 17.16 -13.92 11.04
CA ILE B 160 17.25 -14.00 12.51
C ILE B 160 16.68 -15.33 12.96
N VAL B 161 17.05 -15.77 14.17
CA VAL B 161 16.63 -17.08 14.66
C VAL B 161 15.44 -16.93 15.59
N GLU B 162 14.45 -17.80 15.40
CA GLU B 162 13.17 -17.65 16.08
C GLU B 162 13.28 -17.79 17.60
N ASP B 163 14.34 -18.44 18.09
CA ASP B 163 14.50 -18.62 19.54
C ASP B 163 14.74 -17.31 20.28
N LEU B 164 15.03 -16.22 19.57
CA LEU B 164 15.36 -14.96 20.20
C LEU B 164 14.22 -13.95 20.13
N VAL B 165 13.03 -14.35 19.72
CA VAL B 165 11.93 -13.41 19.53
C VAL B 165 10.66 -13.94 20.18
N GLU B 166 9.72 -13.02 20.41
CA GLU B 166 8.39 -13.33 20.88
C GLU B 166 7.38 -12.70 19.94
N GLU B 167 6.13 -13.17 19.98
CA GLU B 167 5.13 -12.66 19.06
C GLU B 167 4.63 -11.28 19.45
N VAL B 168 4.16 -10.52 18.46
CA VAL B 168 3.60 -9.20 18.67
C VAL B 168 2.12 -9.22 18.25
N GLY B 169 1.27 -8.60 19.07
CA GLY B 169 -0.15 -8.54 18.74
C GLY B 169 -0.44 -7.61 17.57
N ARG B 170 -1.46 -7.96 16.79
CA ARG B 170 -1.84 -7.14 15.63
C ARG B 170 -2.31 -5.75 16.02
N GLU B 171 -2.61 -5.51 17.29
CA GLU B 171 -3.15 -4.22 17.69
C GLU B 171 -2.11 -3.12 17.73
N GLU B 172 -0.83 -3.45 17.93
CA GLU B 172 0.19 -2.41 18.04
C GLU B 172 0.29 -1.61 16.74
N ASP B 173 0.56 -0.32 16.90
CA ASP B 173 0.61 0.56 15.74
C ASP B 173 1.66 0.07 14.74
N PRO B 174 1.40 0.21 13.43
CA PRO B 174 2.38 -0.26 12.44
C PRO B 174 3.74 0.41 12.52
N HIS B 175 3.85 1.58 13.14
CA HIS B 175 5.13 2.27 13.28
C HIS B 175 5.87 1.90 14.56
N GLU B 176 5.30 1.01 15.38
CA GLU B 176 6.00 0.59 16.58
C GLU B 176 7.34 -0.03 16.22
N GLY B 177 8.39 0.36 16.94
CA GLY B 177 9.73 -0.09 16.64
C GLY B 177 10.57 0.95 15.91
N LYS B 178 9.94 1.94 15.28
CA LYS B 178 10.69 3.06 14.73
C LYS B 178 11.27 3.86 15.89
N ILE B 179 12.50 4.33 15.70
CA ILE B 179 13.24 4.98 16.77
C ILE B 179 12.57 6.29 17.20
N TRP B 180 11.83 6.94 16.29
CA TRP B 180 11.17 8.21 16.58
C TRP B 180 9.71 8.07 17.00
N PHE B 181 9.19 6.84 17.10
CA PHE B 181 7.77 6.62 17.34
C PHE B 181 7.52 6.17 18.77
N HIS B 182 6.47 6.71 19.39
CA HIS B 182 6.07 6.36 20.74
C HIS B 182 4.57 6.08 20.77
N GLY B 183 4.20 4.82 20.93
CA GLY B 183 2.81 4.40 20.89
C GLY B 183 2.08 4.36 22.23
N LYS B 184 2.74 4.69 23.35
CA LYS B 184 2.10 4.55 24.65
C LYS B 184 2.02 5.84 25.47
N ILE B 185 2.92 6.79 25.26
CA ILE B 185 2.95 7.96 26.12
C ILE B 185 1.73 8.83 25.87
N SER B 186 1.44 9.71 26.84
CA SER B 186 0.38 10.70 26.70
C SER B 186 0.92 11.92 25.96
N LYS B 187 0.01 12.79 25.54
CA LYS B 187 0.43 14.07 24.96
C LYS B 187 1.27 14.89 25.94
N GLN B 188 0.79 14.97 27.19
CA GLN B 188 1.54 15.72 28.19
C GLN B 188 2.94 15.15 28.35
N GLU B 189 3.06 13.82 28.36
CA GLU B 189 4.37 13.23 28.54
C GLU B 189 5.25 13.47 27.32
N ALA B 190 4.67 13.55 26.12
CA ALA B 190 5.47 13.93 24.96
C ALA B 190 6.05 15.32 25.13
N TYR B 191 5.23 16.28 25.56
CA TYR B 191 5.75 17.62 25.85
C TYR B 191 6.85 17.57 26.91
N ASN B 192 6.61 16.83 28.00
CA ASN B 192 7.59 16.74 29.08
C ASN B 192 8.91 16.15 28.57
N LEU B 193 8.82 15.08 27.79
CA LEU B 193 10.01 14.40 27.28
C LEU B 193 10.83 15.34 26.44
N LEU B 194 10.18 16.09 25.55
CA LEU B 194 10.94 16.97 24.68
C LEU B 194 11.54 18.12 25.44
N MET B 195 10.88 18.61 26.49
CA MET B 195 11.47 19.72 27.23
C MET B 195 12.63 19.26 28.11
N THR B 196 12.48 18.13 28.80
CA THR B 196 13.53 17.68 29.72
C THR B 196 14.65 16.93 29.00
N VAL B 197 14.31 15.84 28.32
CA VAL B 197 15.31 14.96 27.73
C VAL B 197 15.72 15.43 26.33
N GLY B 198 14.75 15.86 25.53
CA GLY B 198 15.07 16.34 24.20
C GLY B 198 15.92 17.60 24.25
N GLN B 199 16.56 17.89 23.12
CA GLN B 199 17.29 19.11 22.92
C GLN B 199 16.54 19.97 21.92
N VAL B 200 17.05 21.17 21.67
CA VAL B 200 16.49 21.96 20.59
C VAL B 200 16.63 21.17 19.30
N SER B 201 15.54 21.11 18.53
CA SER B 201 15.42 20.41 17.25
C SER B 201 15.20 18.92 17.42
N SER B 202 15.00 18.44 18.65
CA SER B 202 14.54 17.07 18.87
C SER B 202 13.09 16.94 18.47
N PHE B 203 12.65 15.71 18.22
CA PHE B 203 11.30 15.49 17.77
C PHE B 203 10.85 14.09 18.16
N LEU B 204 9.54 13.86 18.08
CA LEU B 204 9.00 12.50 18.23
C LEU B 204 7.67 12.45 17.49
N VAL B 205 7.18 11.24 17.28
CA VAL B 205 5.89 11.09 16.63
C VAL B 205 5.02 10.19 17.50
N ARG B 206 3.76 10.56 17.66
CA ARG B 206 2.83 9.66 18.34
C ARG B 206 1.48 9.73 17.65
N PRO B 207 0.59 8.79 17.92
CA PRO B 207 -0.74 8.85 17.30
C PRO B 207 -1.53 10.01 17.85
N SER B 208 -2.42 10.54 17.03
CA SER B 208 -3.35 11.55 17.51
C SER B 208 -4.34 10.90 18.45
N ASP B 209 -4.70 11.62 19.52
CA ASP B 209 -5.74 11.13 20.41
C ASP B 209 -7.13 11.38 19.85
N ASN B 210 -7.28 12.38 18.99
CA ASN B 210 -8.60 12.86 18.60
C ASN B 210 -9.03 12.45 17.20
N THR B 211 -8.13 11.96 16.37
CA THR B 211 -8.46 11.61 14.98
C THR B 211 -7.92 10.22 14.69
N PRO B 212 -8.78 9.21 14.60
CA PRO B 212 -8.29 7.87 14.26
C PRO B 212 -7.47 7.86 12.98
N GLY B 213 -6.24 7.38 13.06
CA GLY B 213 -5.38 7.30 11.89
C GLY B 213 -4.39 8.44 11.77
N ASP B 214 -4.64 9.57 12.43
CA ASP B 214 -3.71 10.67 12.33
C ASP B 214 -2.52 10.45 13.25
N TYR B 215 -1.42 11.13 12.94
CA TYR B 215 -0.24 11.17 13.79
C TYR B 215 0.15 12.62 14.01
N SER B 216 0.94 12.85 15.05
CA SER B 216 1.42 14.18 15.41
C SER B 216 2.93 14.13 15.56
N LEU B 217 3.62 15.05 14.88
CA LEU B 217 5.06 15.22 14.97
C LEU B 217 5.32 16.36 15.95
N TYR B 218 5.93 16.04 17.09
CA TYR B 218 6.29 17.01 18.12
C TYR B 218 7.71 17.47 17.85
N PHE B 219 7.91 18.79 17.83
CA PHE B 219 9.20 19.38 17.49
C PHE B 219 9.56 20.48 18.47
N ARG B 220 10.77 20.47 18.99
N ARG B 220 10.80 20.49 18.93
CA ARG B 220 11.19 21.42 20.01
CA ARG B 220 11.27 21.39 19.97
C ARG B 220 12.04 22.52 19.39
C ARG B 220 12.07 22.53 19.33
N THR B 221 11.55 23.75 19.47
CA THR B 221 12.29 24.93 19.08
C THR B 221 13.03 25.45 20.31
N ASN B 222 13.67 26.61 20.19
CA ASN B 222 14.37 27.17 21.35
C ASN B 222 13.39 27.63 22.42
N GLU B 223 12.19 28.01 22.02
CA GLU B 223 11.23 28.65 22.91
C GLU B 223 10.07 27.76 23.34
N ASN B 224 9.66 26.84 22.48
CA ASN B 224 8.44 26.07 22.73
C ASN B 224 8.51 24.76 21.97
N ILE B 225 7.41 24.02 22.05
CA ILE B 225 7.21 22.78 21.30
C ILE B 225 6.02 23.00 20.36
N GLN B 226 6.21 22.62 19.10
CA GLN B 226 5.16 22.73 18.09
C GLN B 226 4.73 21.34 17.64
N ARG B 227 3.44 21.19 17.37
CA ARG B 227 2.84 19.92 16.97
C ARG B 227 2.35 20.05 15.53
N PHE B 228 2.73 19.10 14.68
CA PHE B 228 2.31 19.10 13.29
C PHE B 228 1.45 17.87 13.00
N LYS B 229 0.38 18.06 12.24
CA LYS B 229 -0.55 16.97 11.97
C LYS B 229 -0.09 16.23 10.72
N ILE B 230 0.01 14.91 10.84
CA ILE B 230 0.28 14.01 9.73
C ILE B 230 -0.98 13.17 9.51
N SER B 231 -1.51 13.21 8.30
CA SER B 231 -2.80 12.59 8.06
C SER B 231 -2.70 11.56 6.95
N PRO B 232 -3.30 10.37 7.11
CA PRO B 232 -3.22 9.36 6.05
C PRO B 232 -4.18 9.68 4.93
N THR B 233 -3.82 9.25 3.73
CA THR B 233 -4.73 9.31 2.61
C THR B 233 -5.45 7.98 2.48
N PRO B 234 -6.53 7.93 1.70
CA PRO B 234 -7.10 6.62 1.34
C PRO B 234 -6.21 5.84 0.37
N ASN B 235 -5.01 6.34 0.07
CA ASN B 235 -4.15 5.76 -0.95
C ASN B 235 -2.75 5.42 -0.43
N ASN B 236 -2.65 5.13 0.87
CA ASN B 236 -1.42 4.63 1.51
C ASN B 236 -0.29 5.65 1.54
N GLN B 237 -0.62 6.93 1.53
CA GLN B 237 0.35 8.00 1.71
C GLN B 237 0.02 8.78 2.98
N PHE B 238 0.86 9.76 3.28
CA PHE B 238 0.69 10.63 4.44
C PHE B 238 0.85 12.08 4.02
N MET B 239 -0.05 12.94 4.50
N MET B 239 -0.11 12.91 4.42
CA MET B 239 -0.05 14.34 4.11
CA MET B 239 -0.08 14.34 4.19
C MET B 239 0.31 15.21 5.31
C MET B 239 0.52 15.05 5.40
N MET B 240 1.30 16.10 5.13
CA MET B 240 1.67 17.04 6.17
C MET B 240 1.92 18.38 5.50
N GLY B 241 1.28 19.43 6.03
CA GLY B 241 1.40 20.75 5.45
C GLY B 241 0.99 20.77 3.99
N GLY B 242 -0.02 19.96 3.65
CA GLY B 242 -0.50 19.91 2.28
C GLY B 242 0.42 19.20 1.31
N ARG B 243 1.57 18.69 1.76
CA ARG B 243 2.48 17.96 0.90
C ARG B 243 2.33 16.47 1.17
N TYR B 244 2.65 15.65 0.17
CA TYR B 244 2.33 14.23 0.25
C TYR B 244 3.59 13.36 0.24
N TYR B 245 3.56 12.29 1.03
CA TYR B 245 4.73 11.44 1.28
C TYR B 245 4.31 9.98 1.32
N ASN B 246 5.23 9.10 0.90
CA ASN B 246 4.94 7.68 0.94
C ASN B 246 5.02 7.10 2.36
N SER B 247 5.68 7.77 3.30
CA SER B 247 5.85 7.24 4.65
C SER B 247 6.16 8.38 5.60
N ILE B 248 5.95 8.13 6.89
CA ILE B 248 6.35 9.14 7.87
C ILE B 248 7.86 9.28 7.86
N GLY B 249 8.58 8.18 7.63
CA GLY B 249 10.03 8.25 7.50
C GLY B 249 10.48 9.23 6.42
N ASP B 250 9.73 9.29 5.31
CA ASP B 250 10.03 10.26 4.26
C ASP B 250 9.83 11.70 4.73
N ILE B 251 8.79 11.94 5.54
CA ILE B 251 8.59 13.26 6.12
C ILE B 251 9.78 13.66 6.96
N ILE B 252 10.27 12.73 7.78
CA ILE B 252 11.41 13.03 8.62
C ILE B 252 12.63 13.35 7.78
N ASP B 253 12.89 12.56 6.72
CA ASP B 253 14.02 12.86 5.84
C ASP B 253 13.87 14.25 5.22
N HIS B 254 12.67 14.55 4.73
CA HIS B 254 12.41 15.84 4.09
C HIS B 254 12.78 16.97 5.02
N TYR B 255 12.34 16.90 6.26
CA TYR B 255 12.60 18.00 7.18
C TYR B 255 13.95 17.90 7.85
N ARG B 256 14.73 16.88 7.51
CA ARG B 256 16.16 17.01 7.77
C ARG B 256 16.86 17.77 6.66
N LYS B 257 16.31 17.79 5.45
CA LYS B 257 16.96 18.58 4.41
C LYS B 257 16.31 19.94 4.18
N GLU B 258 15.05 20.13 4.59
CA GLU B 258 14.34 21.39 4.45
C GLU B 258 13.86 21.84 5.82
N GLN B 259 13.69 23.16 5.99
CA GLN B 259 13.33 23.70 7.30
C GLN B 259 11.89 23.33 7.67
N ILE B 260 11.70 22.83 8.88
CA ILE B 260 10.34 22.53 9.33
C ILE B 260 9.69 23.76 9.93
N VAL B 261 10.47 24.56 10.66
CA VAL B 261 10.09 25.87 11.15
C VAL B 261 11.20 26.80 10.70
N GLU B 262 10.84 28.02 10.31
CA GLU B 262 11.85 28.90 9.75
C GLU B 262 13.04 29.01 10.69
N GLY B 263 14.21 28.63 10.18
CA GLY B 263 15.44 28.57 10.96
C GLY B 263 15.69 27.28 11.71
N TYR B 264 14.93 26.22 11.43
CA TYR B 264 15.04 24.96 12.16
C TYR B 264 14.93 23.76 11.22
N TYR B 265 15.78 22.75 11.45
CA TYR B 265 15.63 21.44 10.83
C TYR B 265 15.46 20.40 11.91
N LEU B 266 14.87 19.26 11.55
CA LEU B 266 14.89 18.09 12.43
C LEU B 266 16.31 17.60 12.62
N LYS B 267 16.71 17.32 13.87
CA LYS B 267 18.01 16.71 14.10
C LYS B 267 17.76 15.28 14.54
N GLU B 268 17.76 14.97 15.83
CA GLU B 268 17.68 13.59 16.25
C GLU B 268 16.40 13.36 17.05
N PRO B 269 15.79 12.19 16.93
CA PRO B 269 14.61 11.90 17.75
C PRO B 269 14.99 11.91 19.22
N VAL B 270 14.00 12.19 20.06
CA VAL B 270 14.28 12.08 21.50
C VAL B 270 14.56 10.61 21.82
N PRO B 271 15.67 10.31 22.51
CA PRO B 271 16.05 8.92 22.76
C PRO B 271 15.03 8.16 23.60
N MET B 272 15.09 6.83 23.50
CA MET B 272 14.14 5.93 24.14
C MET B 272 14.89 4.97 25.06
N SER C 3 17.29 -17.59 -21.70
CA SER C 3 15.85 -17.66 -21.91
C SER C 3 15.10 -17.74 -20.59
N ASP C 4 15.80 -18.18 -19.54
CA ASP C 4 15.24 -18.25 -18.20
C ASP C 4 15.46 -16.94 -17.45
N PTR C 5 14.65 -16.69 -16.43
CA PTR C 5 14.93 -15.60 -15.52
C PTR C 5 16.25 -15.89 -14.82
O PTR C 5 16.64 -17.06 -14.64
CB PTR C 5 13.83 -15.41 -14.48
CG PTR C 5 12.52 -14.90 -15.05
CD1 PTR C 5 11.53 -15.78 -15.41
CD2 PTR C 5 12.29 -13.53 -15.22
CE1 PTR C 5 10.32 -15.34 -15.93
CE2 PTR C 5 11.08 -13.08 -15.73
CZ PTR C 5 10.10 -13.98 -16.08
OH PTR C 5 8.97 -13.60 -16.55
P PTR C 5 8.80 -13.34 -18.11
O1P PTR C 5 7.34 -12.94 -18.39
O2P PTR C 5 9.19 -14.59 -18.90
O3P PTR C 5 9.70 -12.20 -18.42
N ALA C 6 16.97 -14.84 -14.45
CA ALA C 6 18.19 -14.99 -13.68
C ALA C 6 17.94 -14.67 -12.22
N GLU C 7 18.84 -15.14 -11.35
CA GLU C 7 18.78 -14.70 -9.96
C GLU C 7 19.86 -13.66 -9.70
N PRO C 8 19.58 -12.63 -8.90
CA PRO C 8 20.61 -11.62 -8.63
C PRO C 8 21.71 -12.19 -7.74
N MET C 9 22.82 -11.45 -7.68
CA MET C 9 24.00 -11.94 -6.97
C MET C 9 23.71 -12.18 -5.49
N ASP C 10 22.84 -11.38 -4.89
CA ASP C 10 22.53 -11.51 -3.47
C ASP C 10 21.25 -12.30 -3.22
N ALA C 11 20.76 -13.03 -4.23
CA ALA C 11 19.56 -13.83 -4.06
C ALA C 11 19.68 -14.72 -2.83
N VAL C 12 18.58 -14.82 -2.09
CA VAL C 12 18.54 -15.62 -0.87
C VAL C 12 17.55 -16.76 -0.99
N VAL C 13 17.21 -17.14 -2.22
CA VAL C 13 16.24 -18.19 -2.48
C VAL C 13 16.90 -19.54 -2.19
N LYS C 14 16.31 -20.30 -1.27
CA LYS C 14 16.79 -21.64 -0.97
C LYS C 14 15.99 -22.63 -1.82
N PRO C 15 16.60 -23.34 -2.76
CA PRO C 15 15.82 -24.11 -3.73
C PRO C 15 15.27 -25.41 -3.16
N ARG C 16 14.17 -25.87 -3.76
CA ARG C 16 13.57 -27.15 -3.47
C ARG C 16 13.46 -27.94 -4.78
N ASN C 17 13.78 -29.23 -4.71
CA ASN C 17 13.78 -30.06 -5.90
C ASN C 17 12.36 -30.41 -6.32
N GLU C 18 12.12 -30.36 -7.64
CA GLU C 18 10.80 -30.67 -8.17
C GLU C 18 10.39 -32.10 -7.87
N GLU C 19 11.35 -33.03 -7.89
CA GLU C 19 11.05 -34.43 -7.65
C GLU C 19 10.52 -34.68 -6.24
N GLU C 20 10.76 -33.77 -5.30
CA GLU C 20 10.25 -33.87 -3.95
C GLU C 20 8.85 -33.30 -3.79
N ASN C 21 8.41 -32.45 -4.72
CA ASN C 21 7.09 -31.85 -4.64
C ASN C 21 6.03 -32.90 -4.90
N ILE C 22 5.07 -33.00 -4.00
CA ILE C 22 4.04 -34.01 -4.13
C ILE C 22 2.83 -33.39 -4.78
N PTR C 23 2.33 -34.02 -5.84
CA PTR C 23 1.08 -33.58 -6.45
C PTR C 23 0.00 -34.57 -6.08
O PTR C 23 0.30 -35.74 -5.87
CB PTR C 23 1.20 -33.44 -7.96
CG PTR C 23 1.96 -32.23 -8.45
CD1 PTR C 23 1.34 -31.01 -8.66
CD2 PTR C 23 3.32 -32.31 -8.70
CE1 PTR C 23 2.05 -29.91 -9.11
CE2 PTR C 23 4.04 -31.22 -9.15
CZ PTR C 23 3.39 -30.02 -9.34
OH PTR C 23 4.08 -29.01 -9.79
P PTR C 23 4.67 -27.83 -8.88
O1P PTR C 23 3.79 -27.61 -7.65
O2P PTR C 23 6.02 -28.19 -8.45
O3P PTR C 23 4.77 -26.55 -9.74
N SER C 24 -1.26 -34.13 -6.01
CA SER C 24 -2.34 -35.02 -5.61
C SER C 24 -3.34 -35.23 -6.73
N VAL C 25 -4.29 -36.13 -6.51
CA VAL C 25 -5.32 -36.53 -7.46
C VAL C 25 -6.68 -36.26 -6.83
N PRO C 26 -7.70 -35.85 -7.59
CA PRO C 26 -9.02 -35.62 -6.99
C PRO C 26 -9.65 -36.89 -6.46
N HIS C 27 -10.56 -36.72 -5.51
CA HIS C 27 -11.28 -37.83 -4.89
C HIS C 27 -11.98 -38.72 -5.93
N PRO D 2 -1.33 27.79 21.30
CA PRO D 2 -0.50 27.01 22.24
C PRO D 2 -0.83 25.52 22.20
N SER D 3 -2.12 25.21 22.33
CA SER D 3 -2.64 23.87 22.13
C SER D 3 -3.04 23.58 20.70
N ASP D 4 -2.93 24.55 19.79
CA ASP D 4 -3.30 24.34 18.40
C ASP D 4 -2.18 23.63 17.63
N PTR D 5 -2.53 23.01 16.51
CA PTR D 5 -1.53 22.47 15.60
C PTR D 5 -0.86 23.59 14.82
O PTR D 5 -1.51 24.57 14.45
CB PTR D 5 -2.13 21.52 14.58
CG PTR D 5 -2.56 20.17 15.12
CD1 PTR D 5 -1.62 19.17 15.36
CD2 PTR D 5 -3.89 19.89 15.37
CE1 PTR D 5 -2.02 17.93 15.83
CE2 PTR D 5 -4.30 18.65 15.85
CZ PTR D 5 -3.35 17.68 16.07
OH PTR D 5 -3.71 16.51 16.50
P PTR D 5 -3.64 16.22 18.04
O1P PTR D 5 -3.95 17.53 18.80
O2P PTR D 5 -2.28 15.77 18.38
O3P PTR D 5 -4.68 15.12 18.33
N ALA D 6 0.43 23.44 14.57
CA ALA D 6 1.15 24.40 13.75
C ALA D 6 1.26 23.90 12.33
N GLU D 7 1.49 24.83 11.41
CA GLU D 7 1.77 24.43 10.03
C GLU D 7 3.26 24.57 9.75
N PRO D 8 3.88 23.68 8.99
CA PRO D 8 5.32 23.80 8.75
C PRO D 8 5.62 25.01 7.86
N MET D 9 6.91 25.34 7.81
CA MET D 9 7.32 26.52 7.08
C MET D 9 7.08 26.41 5.58
N ASP D 10 7.07 25.20 5.02
CA ASP D 10 6.80 25.05 3.59
C ASP D 10 5.37 24.60 3.31
N ALA D 11 4.45 24.89 4.22
CA ALA D 11 3.06 24.46 4.05
C ALA D 11 2.42 25.15 2.85
N VAL D 12 1.57 24.41 2.14
CA VAL D 12 0.75 24.96 1.07
C VAL D 12 -0.71 24.90 1.49
N ASN D 21 -17.18 28.09 5.08
CA ASN D 21 -17.86 26.84 4.79
C ASN D 21 -19.33 26.89 5.17
N ILE D 22 -20.19 26.41 4.28
CA ILE D 22 -21.62 26.45 4.55
C ILE D 22 -22.16 25.05 4.82
N PTR D 23 -23.01 24.97 5.84
CA PTR D 23 -23.67 23.72 6.21
C PTR D 23 -25.14 23.70 5.79
O PTR D 23 -25.84 24.72 5.89
CB PTR D 23 -23.61 23.48 7.72
CG PTR D 23 -22.23 23.25 8.27
CD1 PTR D 23 -21.79 21.96 8.58
CD2 PTR D 23 -21.35 24.31 8.46
CE1 PTR D 23 -20.52 21.76 9.09
CE2 PTR D 23 -20.08 24.11 8.96
CZ PTR D 23 -19.68 22.83 9.27
OH PTR D 23 -18.49 22.65 9.76
P PTR D 23 -17.22 22.29 8.85
O1P PTR D 23 -16.56 23.55 8.46
O2P PTR D 23 -16.24 21.43 9.69
O3P PTR D 23 -17.69 21.50 7.62
N SER D 24 -25.59 22.54 5.33
CA SER D 24 -26.95 22.35 4.88
C SER D 24 -27.87 21.98 6.03
N VAL D 25 -29.13 22.34 5.88
CA VAL D 25 -30.19 21.94 6.80
C VAL D 25 -30.88 20.72 6.21
N PRO D 26 -31.09 19.65 6.96
CA PRO D 26 -31.72 18.45 6.39
C PRO D 26 -33.12 18.74 5.89
N HIS D 27 -33.51 18.06 4.81
CA HIS D 27 -34.86 18.21 4.28
C HIS D 27 -35.91 17.94 5.35
N ASP D 28 -35.65 16.98 6.23
CA ASP D 28 -36.59 16.64 7.31
C ASP D 28 -36.43 17.62 8.47
N SER D 29 -37.16 18.73 8.38
CA SER D 29 -37.21 19.82 9.40
C SER D 29 -35.88 20.51 9.68
C1 MLI E . 6.07 3.53 -23.56
C2 MLI E . 5.07 3.54 -22.39
C3 MLI E . 7.03 2.35 -23.44
O6 MLI E . 3.85 3.74 -22.64
O7 MLI E . 5.46 3.33 -21.21
O8 MLI E . 8.26 2.54 -23.60
O9 MLI E . 6.60 1.19 -23.20
C1 MLI F . 7.89 3.76 -0.27
C2 MLI F . 8.06 4.10 1.22
C3 MLI F . 9.16 4.09 -1.06
O6 MLI F . 9.01 4.82 1.62
O7 MLI F . 7.22 3.64 2.04
O8 MLI F . 9.67 5.25 -1.00
O9 MLI F . 9.69 3.21 -1.79
C1 MLI G . 6.33 3.18 24.28
C2 MLI G . 6.38 2.39 22.97
C3 MLI G . 6.44 4.71 24.10
O6 MLI G . 6.05 2.92 21.87
O7 MLI G . 6.77 1.19 22.98
O8 MLI G . 5.40 5.39 23.91
O9 MLI G . 7.57 5.27 24.14
#